data_4ZQY
#
_entry.id   4ZQY
#
_cell.length_a   82.160
_cell.length_b   82.160
_cell.length_c   82.610
_cell.angle_alpha   90.00
_cell.angle_beta   90.00
_cell.angle_gamma   90.00
#
_symmetry.space_group_name_H-M   'P 41 21 2'
#
_entity_poly.entity_id   1
_entity_poly.type   'polypeptide(L)'
_entity_poly.pdbx_seq_one_letter_code
;RLCLSDYSIFSETIEICPEGHNYCFKKFPKGITRLPWVIRGCAATCPKPEAQVYVDCCARDKCNR
;
_entity_poly.pdbx_strand_id   A,B,C
#
# COMPACT_ATOMS: atom_id res chain seq x y z
N ARG A 1 -15.49 2.09 -2.42
CA ARG A 1 -16.40 3.17 -2.11
C ARG A 1 -15.63 4.47 -2.07
N LEU A 2 -16.28 5.51 -2.58
CA LEU A 2 -15.72 6.85 -2.59
C LEU A 2 -16.53 7.77 -1.72
N CYS A 3 -15.82 8.47 -0.85
CA CYS A 3 -16.42 9.42 0.08
C CYS A 3 -15.80 10.77 -0.12
N LEU A 4 -16.46 11.78 0.43
CA LEU A 4 -15.97 13.14 0.39
C LEU A 4 -15.14 13.38 1.62
N SER A 5 -14.08 14.18 1.49
CA SER A 5 -13.27 14.54 2.62
C SER A 5 -13.63 15.96 3.01
N ASP A 6 -13.96 16.76 1.99
CA ASP A 6 -14.40 18.12 2.17
C ASP A 6 -15.39 18.40 1.05
N TYR A 7 -16.31 19.35 1.30
CA TYR A 7 -17.22 19.82 0.27
C TYR A 7 -17.58 21.29 0.48
N SER A 8 -17.60 22.07 -0.61
CA SER A 8 -18.01 23.48 -0.56
C SER A 8 -18.62 23.89 -1.89
N ILE A 9 -18.63 25.21 -2.18
CA ILE A 9 -19.05 25.81 -3.48
C ILE A 9 -19.35 24.77 -4.54
N PHE A 10 -18.41 24.58 -5.46
CA PHE A 10 -18.13 23.23 -5.91
C PHE A 10 -16.62 23.05 -5.84
N SER A 11 -16.15 22.79 -4.62
CA SER A 11 -14.85 22.20 -4.43
C SER A 11 -15.10 21.02 -3.53
N GLU A 12 -14.91 19.83 -4.08
CA GLU A 12 -15.00 18.61 -3.31
C GLU A 12 -13.69 17.85 -3.23
N THR A 13 -13.34 17.40 -2.03
CA THR A 13 -12.15 16.57 -1.85
C THR A 13 -12.59 15.11 -1.74
N ILE A 14 -12.08 14.29 -2.65
CA ILE A 14 -12.54 12.91 -2.77
C ILE A 14 -11.46 11.94 -2.32
N GLU A 15 -11.88 10.92 -1.59
CA GLU A 15 -11.00 9.82 -1.21
C GLU A 15 -11.61 8.46 -1.55
N ILE A 16 -10.74 7.46 -1.67
CA ILE A 16 -11.18 6.09 -1.90
C ILE A 16 -11.12 5.29 -0.57
N CYS A 17 -12.22 4.64 -0.24
CA CYS A 17 -12.33 3.94 1.03
C CYS A 17 -11.54 2.66 1.10
N PRO A 18 -10.97 2.35 2.27
CA PRO A 18 -10.30 1.07 2.51
C PRO A 18 -11.22 -0.10 2.19
N GLU A 19 -10.65 -1.29 2.02
CA GLU A 19 -11.44 -2.50 1.82
C GLU A 19 -12.38 -2.71 2.98
N GLY A 20 -13.63 -3.05 2.66
CA GLY A 20 -14.63 -3.35 3.66
C GLY A 20 -15.36 -2.13 4.17
N HIS A 21 -14.77 -0.97 3.96
CA HIS A 21 -15.40 0.28 4.33
C HIS A 21 -16.27 0.75 3.18
N ASN A 22 -17.59 0.67 3.34
CA ASN A 22 -18.51 0.98 2.24
C ASN A 22 -19.49 2.07 2.65
N TYR A 23 -19.25 2.66 3.81
CA TYR A 23 -20.05 3.77 4.30
C TYR A 23 -19.27 5.07 4.22
N CYS A 24 -19.96 6.15 3.90
CA CYS A 24 -19.39 7.49 4.02
C CYS A 24 -20.12 8.13 5.18
N PHE A 25 -19.42 8.90 6.00
CA PHE A 25 -20.10 9.57 7.10
C PHE A 25 -19.84 11.06 7.05
N LYS A 26 -20.66 11.82 7.77
CA LYS A 26 -20.42 13.24 8.01
C LYS A 26 -20.76 13.61 9.44
N LYS A 27 -19.80 14.23 10.14
CA LYS A 27 -19.97 14.59 11.53
C LYS A 27 -20.00 16.12 11.72
N PHE A 28 -21.01 16.62 12.42
CA PHE A 28 -21.12 18.06 12.64
C PHE A 28 -21.81 18.37 13.97
N PRO A 29 -21.50 19.53 14.59
CA PRO A 29 -22.02 19.82 15.93
C PRO A 29 -23.49 20.23 15.93
N LYS A 30 -24.15 20.21 17.08
CA LYS A 30 -25.60 20.43 17.08
C LYS A 30 -26.10 21.85 17.27
N GLY A 31 -25.46 22.64 18.12
CA GLY A 31 -25.87 24.04 18.21
C GLY A 31 -25.04 25.10 17.54
N ILE A 32 -24.19 24.72 16.61
CA ILE A 32 -23.29 25.69 15.99
C ILE A 32 -23.77 26.13 14.61
N THR A 33 -24.07 27.41 14.37
CA THR A 33 -24.28 27.80 12.97
C THR A 33 -23.16 28.71 12.49
N ARG A 34 -22.43 29.28 13.44
CA ARG A 34 -21.44 30.30 13.11
C ARG A 34 -20.15 29.57 12.74
N LEU A 35 -20.12 29.11 11.49
CA LEU A 35 -18.99 28.43 10.86
C LEU A 35 -18.53 27.26 11.71
N PRO A 36 -19.25 26.14 11.63
CA PRO A 36 -18.93 24.95 12.41
C PRO A 36 -17.89 24.09 11.74
N TRP A 37 -17.12 23.39 12.53
CA TRP A 37 -16.30 22.29 12.03
C TRP A 37 -17.18 21.21 11.43
N VAL A 38 -16.74 20.58 10.35
CA VAL A 38 -17.46 19.42 9.82
C VAL A 38 -16.45 18.31 9.55
N ILE A 39 -16.77 17.09 9.97
CA ILE A 39 -15.91 15.92 9.73
C ILE A 39 -16.50 14.90 8.75
N ARG A 40 -15.71 14.52 7.75
CA ARG A 40 -16.11 13.53 6.76
C ARG A 40 -15.07 12.44 6.59
N GLY A 41 -15.53 11.28 6.10
CA GLY A 41 -14.65 10.17 5.85
C GLY A 41 -15.36 8.88 5.53
N CYS A 42 -14.58 7.80 5.47
CA CYS A 42 -15.08 6.47 5.18
C CYS A 42 -15.34 5.73 6.49
N ALA A 43 -16.16 4.69 6.44
CA ALA A 43 -16.49 3.90 7.62
C ALA A 43 -16.91 2.48 7.25
N ALA A 44 -16.59 1.52 8.12
CA ALA A 44 -17.05 0.16 7.92
C ALA A 44 -18.45 0.02 8.51
N THR A 45 -18.71 0.82 9.55
CA THR A 45 -20.02 0.90 10.19
C THR A 45 -20.32 2.34 10.53
N CYS A 46 -21.60 2.71 10.51
CA CYS A 46 -22.02 4.07 10.87
C CYS A 46 -21.47 4.44 12.24
N PRO A 47 -20.65 5.50 12.29
CA PRO A 47 -20.07 6.00 13.53
C PRO A 47 -21.15 6.27 14.56
N LYS A 48 -20.92 5.93 15.82
CA LYS A 48 -21.87 6.30 16.86
C LYS A 48 -21.71 7.78 17.15
N PRO A 49 -22.82 8.50 17.37
CA PRO A 49 -22.69 9.93 17.63
C PRO A 49 -22.25 10.24 19.05
N GLU A 50 -21.79 11.46 19.24
CA GLU A 50 -21.34 11.99 20.52
C GLU A 50 -22.35 13.03 21.01
N ALA A 51 -22.20 13.44 22.28
CA ALA A 51 -23.13 14.35 22.96
C ALA A 51 -23.84 15.37 22.07
N GLN A 52 -23.11 16.40 21.67
CA GLN A 52 -23.72 17.45 20.87
C GLN A 52 -23.26 17.32 19.45
N VAL A 53 -23.49 16.15 18.87
CA VAL A 53 -23.05 15.88 17.52
C VAL A 53 -24.06 15.03 16.75
N TYR A 54 -24.30 15.38 15.49
CA TYR A 54 -25.00 14.50 14.55
C TYR A 54 -23.98 13.75 13.68
N VAL A 55 -24.32 12.52 13.26
CA VAL A 55 -23.49 11.83 12.24
C VAL A 55 -24.43 11.40 11.13
N ASP A 56 -24.12 11.85 9.91
CA ASP A 56 -24.82 11.36 8.76
C ASP A 56 -24.08 10.11 8.37
N CYS A 57 -24.82 9.09 7.95
CA CYS A 57 -24.21 7.89 7.47
C CYS A 57 -24.94 7.46 6.20
N CYS A 58 -24.22 7.32 5.11
CA CYS A 58 -24.81 6.96 3.83
C CYS A 58 -23.89 5.97 3.10
N ALA A 59 -24.37 5.38 2.01
CA ALA A 59 -23.71 4.24 1.37
C ALA A 59 -23.69 4.34 -0.15
N ARG A 60 -23.34 5.51 -0.66
CA ARG A 60 -23.17 5.71 -2.09
C ARG A 60 -21.93 6.57 -2.33
N ASP A 61 -21.40 6.54 -3.54
CA ASP A 61 -20.17 7.27 -3.83
C ASP A 61 -20.38 8.78 -3.63
N LYS A 62 -19.58 9.37 -2.75
CA LYS A 62 -19.54 10.84 -2.59
C LYS A 62 -20.88 11.36 -2.11
N CYS A 63 -21.52 10.57 -1.26
CA CYS A 63 -22.84 10.88 -0.73
C CYS A 63 -22.87 11.81 0.47
N ASN A 64 -21.80 11.83 1.27
CA ASN A 64 -21.80 12.65 2.48
C ASN A 64 -21.57 14.14 2.25
N ARG A 65 -22.55 14.86 1.72
CA ARG A 65 -22.36 16.30 1.58
C ARG A 65 -23.30 16.97 2.56
N ARG B 1 -2.91 -3.43 13.97
CA ARG B 1 -1.70 -3.27 13.19
C ARG B 1 -1.27 -1.81 13.17
N LEU B 2 0.04 -1.54 13.24
CA LEU B 2 0.50 -0.16 13.13
C LEU B 2 1.34 -0.05 11.88
N CYS B 3 1.03 0.92 11.04
CA CYS B 3 1.77 1.11 9.80
C CYS B 3 2.33 2.52 9.73
N LEU B 4 3.29 2.72 8.83
CA LEU B 4 3.86 4.03 8.59
C LEU B 4 3.12 4.71 7.44
N SER B 5 3.01 6.03 7.54
CA SER B 5 2.41 6.87 6.50
C SER B 5 3.57 7.55 5.78
N ASP B 6 4.61 7.83 6.55
CA ASP B 6 5.83 8.45 6.09
C ASP B 6 7.00 7.90 6.88
N TYR B 7 8.18 7.89 6.27
CA TYR B 7 9.41 7.55 6.97
C TYR B 7 10.58 8.34 6.35
N SER B 8 11.43 8.90 7.22
CA SER B 8 12.64 9.60 6.80
C SER B 8 13.69 9.51 7.89
N ILE B 9 14.65 10.43 7.87
CA ILE B 9 15.69 10.62 8.91
C ILE B 9 15.55 9.74 10.17
N PHE B 10 15.04 10.32 11.24
CA PHE B 10 14.10 9.59 12.10
C PHE B 10 12.90 10.48 12.35
N SER B 11 12.02 10.52 11.36
CA SER B 11 10.65 10.97 11.54
C SER B 11 9.80 9.87 10.96
N GLU B 12 9.07 9.17 11.83
CA GLU B 12 8.15 8.18 11.33
C GLU B 12 6.76 8.65 11.67
N THR B 13 5.88 8.60 10.67
CA THR B 13 4.50 8.93 10.83
C THR B 13 3.69 7.65 10.98
N ILE B 14 3.01 7.50 12.10
CA ILE B 14 2.35 6.23 12.41
C ILE B 14 0.84 6.35 12.37
N GLU B 15 0.17 5.34 11.80
CA GLU B 15 -1.28 5.30 11.87
C GLU B 15 -1.69 3.95 12.41
N ILE B 16 -2.89 3.88 12.95
CA ILE B 16 -3.45 2.63 13.42
C ILE B 16 -4.43 2.05 12.39
N CYS B 17 -4.21 0.79 12.02
CA CYS B 17 -4.98 0.13 10.97
C CYS B 17 -6.39 -0.27 11.40
N PRO B 18 -7.36 -0.20 10.46
CA PRO B 18 -8.70 -0.70 10.75
C PRO B 18 -8.69 -2.13 11.26
N GLU B 19 -9.77 -2.58 11.88
CA GLU B 19 -9.88 -3.98 12.28
C GLU B 19 -9.74 -4.86 11.04
N GLY B 20 -8.95 -5.92 11.13
CA GLY B 20 -8.81 -6.88 10.04
C GLY B 20 -7.78 -6.53 9.00
N HIS B 21 -7.38 -5.26 8.95
CA HIS B 21 -6.33 -4.81 8.04
C HIS B 21 -5.04 -5.03 8.79
N ASN B 22 -4.26 -6.03 8.38
CA ASN B 22 -3.07 -6.40 9.14
C ASN B 22 -1.78 -6.35 8.33
N TYR B 23 -1.87 -5.80 7.13
CA TYR B 23 -0.70 -5.60 6.28
C TYR B 23 -0.30 -4.12 6.17
N CYS B 24 1.00 -3.85 6.13
CA CYS B 24 1.51 -2.53 5.76
C CYS B 24 2.16 -2.66 4.41
N PHE B 25 1.98 -1.66 3.58
CA PHE B 25 2.61 -1.71 2.27
C PHE B 25 3.48 -0.48 2.03
N LYS B 26 4.35 -0.57 1.04
CA LYS B 26 5.07 0.61 0.56
C LYS B 26 5.18 0.60 -0.96
N LYS B 27 4.73 1.68 -1.61
CA LYS B 27 4.74 1.76 -3.07
C LYS B 27 5.71 2.82 -3.52
N PHE B 28 6.57 2.44 -4.45
CA PHE B 28 7.56 3.36 -4.95
C PHE B 28 7.88 3.04 -6.39
N PRO B 29 8.27 4.05 -7.16
CA PRO B 29 8.47 3.86 -8.59
C PRO B 29 9.77 3.16 -8.98
N LYS B 30 9.82 2.70 -10.24
CA LYS B 30 10.91 1.87 -10.75
C LYS B 30 11.94 2.82 -11.38
N GLY B 31 13.24 2.49 -11.37
CA GLY B 31 14.18 3.33 -12.09
C GLY B 31 14.41 4.79 -11.74
N ILE B 32 14.08 5.20 -10.51
CA ILE B 32 14.15 6.62 -10.13
C ILE B 32 15.39 7.09 -9.39
N THR B 33 15.75 6.39 -8.32
CA THR B 33 17.04 6.61 -7.65
C THR B 33 17.07 7.96 -6.90
N ARG B 34 16.14 8.86 -7.21
CA ARG B 34 16.17 10.21 -6.69
C ARG B 34 15.54 10.23 -5.29
N LEU B 35 14.55 11.09 -5.11
CA LEU B 35 13.80 11.18 -3.88
C LEU B 35 12.39 11.15 -4.43
N PRO B 36 11.93 9.93 -4.71
CA PRO B 36 10.65 9.60 -5.31
C PRO B 36 9.56 9.64 -4.27
N TRP B 37 8.36 9.91 -4.76
CA TRP B 37 7.18 9.71 -3.96
C TRP B 37 7.10 8.27 -3.51
N VAL B 38 6.65 8.09 -2.29
CA VAL B 38 6.40 6.78 -1.75
C VAL B 38 5.04 6.78 -1.09
N ILE B 39 4.25 5.75 -1.35
CA ILE B 39 2.96 5.66 -0.71
C ILE B 39 3.05 4.54 0.29
N ARG B 40 2.68 4.83 1.52
CA ARG B 40 2.70 3.83 2.57
C ARG B 40 1.33 3.82 3.22
N GLY B 41 0.97 2.71 3.84
CA GLY B 41 -0.29 2.63 4.51
C GLY B 41 -0.65 1.24 4.94
N CYS B 42 -1.89 1.09 5.38
CA CYS B 42 -2.42 -0.17 5.86
C CYS B 42 -3.13 -0.86 4.71
N ALA B 43 -3.32 -2.17 4.85
CA ALA B 43 -4.00 -2.93 3.81
C ALA B 43 -4.64 -4.16 4.41
N ALA B 44 -5.78 -4.53 3.84
CA ALA B 44 -6.44 -5.75 4.24
C ALA B 44 -5.83 -6.87 3.43
N THR B 45 -5.40 -6.51 2.23
CA THR B 45 -4.71 -7.43 1.35
C THR B 45 -3.56 -6.74 0.63
N CYS B 46 -2.51 -7.50 0.36
CA CYS B 46 -1.37 -6.99 -0.38
C CYS B 46 -1.88 -6.39 -1.69
N PRO B 47 -1.64 -5.09 -1.90
CA PRO B 47 -2.01 -4.34 -3.11
C PRO B 47 -1.46 -5.03 -4.36
N LYS B 48 -2.23 -5.05 -5.46
CA LYS B 48 -1.68 -5.56 -6.70
C LYS B 48 -0.72 -4.49 -7.20
N PRO B 49 0.42 -4.91 -7.76
CA PRO B 49 1.35 -3.85 -8.20
C PRO B 49 0.88 -3.23 -9.51
N GLU B 50 1.42 -2.06 -9.85
CA GLU B 50 1.05 -1.43 -11.10
C GLU B 50 2.25 -1.52 -12.00
N ALA B 51 2.05 -1.22 -13.28
CA ALA B 51 3.08 -1.37 -14.31
C ALA B 51 4.51 -1.16 -13.83
N GLN B 52 4.89 0.11 -13.66
CA GLN B 52 6.27 0.43 -13.29
C GLN B 52 6.37 0.90 -11.84
N VAL B 53 5.91 0.06 -10.92
CA VAL B 53 5.88 0.36 -9.49
C VAL B 53 6.25 -0.88 -8.71
N TYR B 54 7.05 -0.71 -7.66
CA TYR B 54 7.23 -1.78 -6.69
C TYR B 54 6.28 -1.61 -5.51
N VAL B 55 5.82 -2.71 -4.95
CA VAL B 55 5.08 -2.67 -3.69
C VAL B 55 5.70 -3.61 -2.67
N ASP B 56 6.06 -3.07 -1.53
CA ASP B 56 6.48 -3.87 -0.40
C ASP B 56 5.20 -4.23 0.31
N CYS B 57 5.10 -5.45 0.80
CA CYS B 57 3.95 -5.82 1.57
C CYS B 57 4.50 -6.60 2.76
N CYS B 58 4.22 -6.13 3.97
CA CYS B 58 4.73 -6.78 5.18
C CYS B 58 3.65 -6.79 6.26
N ALA B 59 3.89 -7.52 7.34
CA ALA B 59 2.84 -7.78 8.32
C ALA B 59 3.29 -7.68 9.77
N ARG B 60 4.03 -6.62 10.08
CA ARG B 60 4.40 -6.34 11.46
C ARG B 60 4.27 -4.86 11.70
N ASP B 61 4.19 -4.45 12.96
CA ASP B 61 3.97 -3.04 13.26
C ASP B 61 5.14 -2.19 12.76
N LYS B 62 4.81 -1.11 12.02
CA LYS B 62 5.80 -0.17 11.51
C LYS B 62 6.81 -0.82 10.56
N CYS B 63 6.40 -1.92 9.91
CA CYS B 63 7.33 -2.71 9.08
C CYS B 63 7.62 -2.07 7.71
N ASN B 64 6.72 -1.23 7.21
CA ASN B 64 6.88 -0.64 5.88
C ASN B 64 7.92 0.47 5.81
N ARG B 65 9.18 0.03 5.84
CA ARG B 65 10.37 0.85 5.72
C ARG B 65 10.50 1.80 6.90
N ARG C 1 2.54 -11.94 -15.57
CA ARG C 1 3.42 -12.54 -14.58
C ARG C 1 3.82 -11.59 -13.44
N LEU C 2 3.87 -12.12 -12.22
CA LEU C 2 4.31 -11.36 -11.04
C LEU C 2 5.58 -12.03 -10.54
N CYS C 3 6.60 -11.21 -10.34
CA CYS C 3 7.88 -11.71 -9.89
C CYS C 3 8.26 -11.01 -8.58
N LEU C 4 9.23 -11.55 -7.85
CA LEU C 4 9.69 -10.89 -6.64
C LEU C 4 10.87 -10.00 -7.00
N SER C 5 10.98 -8.87 -6.33
CA SER C 5 12.13 -7.98 -6.52
C SER C 5 13.04 -8.17 -5.33
N ASP C 6 12.42 -8.40 -4.17
CA ASP C 6 13.15 -8.66 -2.93
C ASP C 6 12.29 -9.65 -2.13
N TYR C 7 12.92 -10.43 -1.26
CA TYR C 7 12.19 -11.30 -0.33
C TYR C 7 12.89 -11.52 1.02
N SER C 8 12.12 -11.48 2.11
CA SER C 8 12.68 -11.76 3.44
C SER C 8 11.63 -12.36 4.39
N ILE C 9 11.87 -12.27 5.71
CA ILE C 9 10.93 -12.65 6.79
C ILE C 9 9.53 -13.06 6.32
N PHE C 10 8.58 -12.16 6.45
CA PHE C 10 7.57 -12.00 5.42
C PHE C 10 7.50 -10.54 5.09
N SER C 11 8.47 -10.10 4.29
CA SER C 11 8.37 -8.88 3.54
C SER C 11 8.74 -9.30 2.15
N GLU C 12 7.78 -9.28 1.23
CA GLU C 12 8.09 -9.56 -0.16
C GLU C 12 7.83 -8.31 -0.99
N THR C 13 8.80 -7.98 -1.85
CA THR C 13 8.63 -6.87 -2.76
C THR C 13 8.24 -7.44 -4.13
N ILE C 14 7.09 -7.01 -4.61
CA ILE C 14 6.50 -7.59 -5.81
C ILE C 14 6.54 -6.59 -6.96
N GLU C 15 6.87 -7.09 -8.13
CA GLU C 15 6.79 -6.31 -9.35
C GLU C 15 5.98 -7.11 -10.34
N ILE C 16 5.41 -6.41 -11.31
CA ILE C 16 4.69 -7.08 -12.37
C ILE C 16 5.56 -7.19 -13.62
N CYS C 17 5.70 -8.40 -14.15
CA CYS C 17 6.61 -8.63 -15.27
C CYS C 17 6.00 -8.07 -16.56
N PRO C 18 6.87 -7.52 -17.44
CA PRO C 18 6.56 -7.03 -18.78
C PRO C 18 5.83 -8.09 -19.60
N GLU C 19 5.22 -7.66 -20.70
CA GLU C 19 4.58 -8.58 -21.64
C GLU C 19 5.49 -9.65 -22.19
N GLY C 20 5.02 -10.90 -22.22
CA GLY C 20 5.81 -11.96 -22.82
C GLY C 20 6.79 -12.56 -21.85
N HIS C 21 7.04 -11.80 -20.77
CA HIS C 21 7.92 -12.22 -19.71
C HIS C 21 7.17 -13.04 -18.66
N ASN C 22 7.42 -14.34 -18.63
CA ASN C 22 6.67 -15.23 -17.74
C ASN C 22 7.59 -16.01 -16.83
N TYR C 23 8.88 -15.65 -16.85
CA TYR C 23 9.82 -16.25 -15.94
C TYR C 23 10.22 -15.21 -14.90
N CYS C 24 10.37 -15.66 -13.67
CA CYS C 24 10.98 -14.86 -12.62
C CYS C 24 12.31 -15.54 -12.35
N PHE C 25 13.35 -14.73 -12.10
CA PHE C 25 14.66 -15.30 -11.82
C PHE C 25 15.19 -14.82 -10.50
N LYS C 26 16.20 -15.55 -10.03
CA LYS C 26 17.02 -15.15 -8.89
C LYS C 26 18.50 -15.48 -9.10
N LYS C 27 19.33 -14.45 -8.97
CA LYS C 27 20.77 -14.52 -9.17
C LYS C 27 21.44 -14.30 -7.84
N PHE C 28 22.38 -15.16 -7.50
CA PHE C 28 23.09 -15.03 -6.24
C PHE C 28 24.51 -15.56 -6.45
N PRO C 29 25.46 -15.05 -5.64
CA PRO C 29 26.90 -15.30 -5.79
C PRO C 29 27.28 -16.69 -5.33
N LYS C 30 28.50 -17.07 -5.68
CA LYS C 30 28.95 -18.43 -5.50
C LYS C 30 29.58 -18.62 -4.13
N GLY C 31 30.23 -17.61 -3.56
CA GLY C 31 30.71 -17.81 -2.20
C GLY C 31 29.83 -17.21 -1.10
N ILE C 32 30.41 -17.04 0.09
CA ILE C 32 29.65 -16.58 1.27
C ILE C 32 29.78 -15.10 1.53
N THR C 33 28.64 -14.45 1.45
CA THR C 33 28.51 -13.07 1.88
C THR C 33 27.63 -13.05 3.13
N ARG C 34 27.91 -12.11 4.02
CA ARG C 34 27.25 -12.07 5.32
C ARG C 34 25.94 -11.34 5.14
N LEU C 35 25.97 -10.41 4.20
CA LEU C 35 24.80 -9.63 3.80
C LEU C 35 24.72 -9.63 2.28
N PRO C 36 24.15 -10.71 1.69
CA PRO C 36 24.07 -10.80 0.22
C PRO C 36 22.88 -9.99 -0.30
N TRP C 37 22.83 -9.41 -1.50
CA TRP C 37 23.57 -9.63 -2.79
C TRP C 37 22.83 -10.71 -3.53
N VAL C 38 21.53 -10.49 -3.71
CA VAL C 38 20.70 -11.34 -4.52
C VAL C 38 19.90 -10.45 -5.46
N ILE C 39 19.84 -10.84 -6.73
CA ILE C 39 19.08 -10.11 -7.73
C ILE C 39 17.86 -10.90 -8.18
N ARG C 40 16.72 -10.24 -8.15
CA ARG C 40 15.49 -10.87 -8.59
C ARG C 40 14.83 -9.95 -9.60
N GLY C 41 14.00 -10.51 -10.47
CA GLY C 41 13.31 -9.69 -11.45
C GLY C 41 12.60 -10.54 -12.48
N CYS C 42 12.08 -9.89 -13.52
CA CYS C 42 11.34 -10.59 -14.56
C CYS C 42 12.23 -10.97 -15.72
N ALA C 43 11.80 -11.97 -16.50
CA ALA C 43 12.57 -12.41 -17.65
C ALA C 43 11.68 -13.08 -18.69
N ALA C 44 12.03 -12.92 -19.96
CA ALA C 44 11.32 -13.60 -21.03
C ALA C 44 11.96 -14.99 -21.20
N THR C 45 13.24 -15.06 -20.89
CA THR C 45 13.98 -16.31 -20.91
C THR C 45 14.94 -16.38 -19.72
N CYS C 46 15.21 -17.60 -19.23
CA CYS C 46 16.15 -17.79 -18.12
C CYS C 46 17.49 -17.15 -18.45
N PRO C 47 17.90 -16.17 -17.64
CA PRO C 47 19.18 -15.49 -17.83
C PRO C 47 20.30 -16.53 -17.85
N LYS C 48 21.29 -16.36 -18.72
CA LYS C 48 22.44 -17.23 -18.69
C LYS C 48 23.21 -16.79 -17.46
N PRO C 49 23.80 -17.73 -16.71
CA PRO C 49 24.51 -17.30 -15.51
C PRO C 49 25.86 -16.70 -15.88
N GLU C 50 26.46 -15.99 -14.94
CA GLU C 50 27.77 -15.41 -15.17
C GLU C 50 28.72 -16.21 -14.32
N ALA C 51 30.02 -16.00 -14.54
CA ALA C 51 31.10 -16.74 -13.93
C ALA C 51 30.76 -17.25 -12.52
N GLN C 52 30.77 -16.33 -11.58
CA GLN C 52 30.55 -16.66 -10.19
C GLN C 52 29.16 -16.28 -9.68
N VAL C 53 28.18 -16.81 -10.39
CA VAL C 53 26.77 -16.58 -10.10
C VAL C 53 25.99 -17.88 -10.36
N TYR C 54 25.06 -18.15 -9.47
CA TYR C 54 24.03 -19.15 -9.69
C TYR C 54 22.77 -18.42 -10.16
N VAL C 55 21.97 -19.07 -11.02
CA VAL C 55 20.66 -18.52 -11.35
C VAL C 55 19.47 -19.46 -11.17
N ASP C 56 18.49 -19.10 -10.34
CA ASP C 56 17.24 -19.88 -10.33
C ASP C 56 16.37 -19.29 -11.39
N CYS C 57 15.68 -20.17 -12.10
CA CYS C 57 14.74 -19.71 -13.08
C CYS C 57 13.50 -20.58 -12.90
N CYS C 58 12.38 -19.91 -12.66
CA CYS C 58 11.11 -20.58 -12.44
C CYS C 58 10.01 -19.78 -13.14
N ALA C 59 8.81 -20.35 -13.23
CA ALA C 59 7.77 -19.77 -14.10
C ALA C 59 6.39 -19.76 -13.46
N ARG C 60 6.32 -19.30 -12.22
CA ARG C 60 5.03 -19.12 -11.54
C ARG C 60 5.07 -17.83 -10.74
N ASP C 61 3.91 -17.32 -10.37
CA ASP C 61 3.87 -16.04 -9.69
C ASP C 61 4.62 -16.11 -8.38
N LYS C 62 5.62 -15.23 -8.27
CA LYS C 62 6.35 -15.01 -7.02
C LYS C 62 7.11 -16.27 -6.58
N CYS C 63 7.61 -16.99 -7.57
CA CYS C 63 8.32 -18.26 -7.39
C CYS C 63 9.80 -18.04 -7.05
N ASN C 64 10.35 -16.91 -7.46
CA ASN C 64 11.77 -16.65 -7.26
C ASN C 64 12.08 -16.32 -5.80
N ARG C 65 12.06 -17.39 -5.01
CA ARG C 65 12.37 -17.44 -3.58
C ARG C 65 11.34 -16.67 -2.77
#